data_6QR6
#
_entry.id   6QR6
#
_cell.length_a   74.950
_cell.length_b   77.483
_cell.length_c   87.347
_cell.angle_alpha   90.000
_cell.angle_beta   90.000
_cell.angle_gamma   90.000
#
_symmetry.space_group_name_H-M   'P 21 21 21'
#
loop_
_entity.id
_entity.type
_entity.pdbx_description
1 polymer 'tRNA (guanine-N(1)-)-methyltransferase'
2 non-polymer 5-azanyl-3-[1-[[4-(pyrrolidin-1-ylmethyl)phenyl]methyl]indol-6-yl]-1~{H}-pyrazole-4-carbonitrile
3 non-polymer 'SULFATE ION'
4 water water
#
_entity_poly.entity_id   1
_entity_poly.type   'polypeptide(L)'
_entity_poly.pdbx_seq_one_letter_code
;GSMKIDVVTIFPEYLQPVRQSLPGKAIDAGLVDVAVHDLRRWTHDVHKSVDDSPYGGGPGMVMKPTVWGDALDEICTSET
LLVVPTPAGYPFTQETAWQWSTEDHLVIACGRYEGIDQRVADDAATRMRVREVSIGDYVLNGGEAAALVIIEAVLRLVPG
VLGNALSAQEDSHSEGMASLLEGPSYTRPPSWRGMDVPPVLLSGDHAKIAAWRAEQSRQRTIERRPDLLGFDSPTGEHGG
DGLS
;
_entity_poly.pdbx_strand_id   A,B
#
# COMPACT_ATOMS: atom_id res chain seq x y z
N SER A 2 -12.85 10.41 16.95
CA SER A 2 -11.74 11.30 17.28
C SER A 2 -10.42 10.54 17.38
N MET A 3 -9.59 10.63 16.36
CA MET A 3 -8.34 9.85 16.33
C MET A 3 -7.12 10.73 16.13
N LYS A 4 -6.06 10.43 16.87
CA LYS A 4 -4.77 11.07 16.65
C LYS A 4 -3.84 10.05 16.02
N ILE A 5 -3.16 10.41 14.95
CA ILE A 5 -2.15 9.54 14.35
C ILE A 5 -0.81 10.26 14.36
N ASP A 6 0.20 9.63 14.97
CA ASP A 6 1.55 10.15 14.93
C ASP A 6 2.39 9.23 14.05
N VAL A 7 3.13 9.80 13.10
CA VAL A 7 4.01 9.00 12.25
C VAL A 7 5.46 9.41 12.51
N VAL A 8 6.34 8.43 12.74
CA VAL A 8 7.75 8.71 12.97
C VAL A 8 8.58 8.16 11.82
N THR A 9 9.42 9.00 11.22
CA THR A 9 10.08 8.62 9.98
C THR A 9 11.34 9.46 9.77
N ILE A 10 12.32 8.96 9.02
CA ILE A 10 13.45 9.83 8.66
C ILE A 10 13.16 10.58 7.36
N PHE A 11 11.97 10.35 6.78
CA PHE A 11 11.54 11.06 5.57
C PHE A 11 10.16 11.67 5.76
N PRO A 12 10.06 12.69 6.63
CA PRO A 12 8.75 13.27 6.92
C PRO A 12 8.06 13.83 5.67
N GLU A 13 8.84 14.27 4.69
CA GLU A 13 8.26 14.84 3.47
C GLU A 13 7.45 13.79 2.71
N TYR A 14 7.77 12.51 2.89
CA TYR A 14 7.04 11.45 2.21
C TYR A 14 5.58 11.39 2.66
N LEU A 15 5.29 11.87 3.86
CA LEU A 15 3.95 11.77 4.41
C LEU A 15 3.09 12.98 4.05
N GLN A 16 3.63 13.85 3.21
CA GLN A 16 2.89 15.02 2.70
C GLN A 16 1.48 14.71 2.12
N PRO A 17 1.32 13.62 1.35
CA PRO A 17 -0.01 13.36 0.79
C PRO A 17 -1.12 13.16 1.81
N VAL A 18 -0.79 12.65 2.99
CA VAL A 18 -1.80 12.41 4.00
C VAL A 18 -2.41 13.73 4.43
N ARG A 19 -1.55 14.71 4.72
CA ARG A 19 -2.01 16.05 5.07
C ARG A 19 -2.79 16.69 3.93
N GLN A 20 -2.42 16.35 2.69
CA GLN A 20 -3.11 16.87 1.52
C GLN A 20 -4.53 16.31 1.39
N SER A 21 -4.74 15.08 1.86
CA SER A 21 -6.01 14.42 1.65
C SER A 21 -7.01 14.65 2.79
N LEU A 22 -6.58 15.37 3.84
CA LEU A 22 -7.45 15.63 5.00
C LEU A 22 -8.31 16.88 4.84
N PRO A 23 -9.64 16.69 4.73
CA PRO A 23 -10.61 17.79 4.67
C PRO A 23 -10.55 18.70 5.90
N GLY A 24 -10.71 20.00 5.68
CA GLY A 24 -10.67 20.96 6.76
C GLY A 24 -11.77 20.73 7.78
N LYS A 25 -12.94 20.31 7.30
CA LYS A 25 -14.10 20.08 8.15
C LYS A 25 -13.83 19.04 9.24
N ALA A 26 -13.19 17.94 8.87
CA ALA A 26 -12.90 16.87 9.82
C ALA A 26 -11.87 17.29 10.87
N ILE A 27 -10.90 18.10 10.45
CA ILE A 27 -9.89 18.60 11.38
C ILE A 27 -10.49 19.63 12.32
N ASP A 28 -11.24 20.58 11.75
CA ASP A 28 -11.89 21.63 12.52
C ASP A 28 -12.93 21.06 13.49
N ALA A 29 -13.51 19.92 13.15
CA ALA A 29 -14.47 19.26 14.02
C ALA A 29 -13.78 18.35 15.03
N GLY A 30 -12.45 18.34 15.00
CA GLY A 30 -11.67 17.52 15.93
C GLY A 30 -11.91 16.03 15.76
N LEU A 31 -12.11 15.61 14.52
CA LEU A 31 -12.33 14.19 14.22
C LEU A 31 -11.00 13.47 14.04
N VAL A 32 -9.99 14.20 13.59
CA VAL A 32 -8.72 13.59 13.24
C VAL A 32 -7.57 14.59 13.29
N ASP A 33 -6.42 14.11 13.71
CA ASP A 33 -5.19 14.88 13.64
C ASP A 33 -4.05 13.93 13.27
N VAL A 34 -3.31 14.28 12.23
CA VAL A 34 -2.13 13.50 11.82
C VAL A 34 -0.88 14.37 11.99
N ALA A 35 0.07 13.88 12.79
CA ALA A 35 1.32 14.60 13.00
C ALA A 35 2.47 13.75 12.49
N VAL A 36 3.42 14.38 11.81
CA VAL A 36 4.57 13.63 11.29
C VAL A 36 5.84 14.13 11.98
N HIS A 37 6.64 13.20 12.49
CA HIS A 37 7.83 13.52 13.25
C HIS A 37 9.09 12.99 12.61
N ASP A 38 10.10 13.84 12.51
CA ASP A 38 11.41 13.43 12.03
C ASP A 38 12.15 12.65 13.11
N LEU A 39 12.47 11.37 12.85
CA LEU A 39 13.18 10.56 13.84
C LEU A 39 14.48 11.20 14.30
N ARG A 40 15.13 11.99 13.44
CA ARG A 40 16.44 12.51 13.81
C ARG A 40 16.37 13.53 14.96
N ARG A 41 15.16 13.99 15.28
CA ARG A 41 14.94 14.79 16.49
C ARG A 41 15.42 14.05 17.76
N TRP A 42 15.45 12.72 17.71
CA TRP A 42 15.83 11.95 18.89
C TRP A 42 17.20 11.30 18.78
N THR A 43 18.03 11.71 17.81
CA THR A 43 19.39 11.18 17.74
C THR A 43 20.27 11.78 18.83
N HIS A 44 21.40 11.11 19.11
CA HIS A 44 22.24 11.49 20.25
C HIS A 44 23.48 12.26 19.88
N ASP A 45 23.86 12.17 18.60
CA ASP A 45 25.18 12.60 18.19
C ASP A 45 25.12 13.71 17.13
N VAL A 46 26.23 14.39 16.93
CA VAL A 46 26.24 15.50 16.01
C VAL A 46 25.97 15.02 14.57
N HIS A 47 26.28 13.74 14.29
CA HIS A 47 26.05 13.20 12.96
C HIS A 47 24.62 12.68 12.75
N LYS A 48 23.77 12.87 13.75
CA LYS A 48 22.36 12.46 13.69
C LYS A 48 22.20 11.03 13.18
N SER A 49 22.95 10.11 13.79
CA SER A 49 22.98 8.70 13.36
C SER A 49 21.72 7.93 13.73
N VAL A 50 21.12 7.25 12.76
CA VAL A 50 19.93 6.45 13.05
C VAL A 50 20.12 4.96 12.79
N ASP A 51 21.27 4.57 12.24
CA ASP A 51 21.52 3.18 11.88
C ASP A 51 22.92 2.71 12.25
N ASP A 52 23.12 1.39 12.23
CA ASP A 52 24.38 0.80 12.66
C ASP A 52 24.43 -0.62 12.11
N SER A 53 25.61 -1.25 12.17
CA SER A 53 25.80 -2.58 11.56
C SER A 53 25.06 -3.68 12.31
N PRO A 54 24.59 -4.70 11.57
CA PRO A 54 23.84 -5.78 12.22
C PRO A 54 24.72 -6.75 12.99
N TYR A 55 24.31 -7.12 14.20
CA TYR A 55 24.97 -8.20 14.92
C TYR A 55 24.77 -9.50 14.15
N GLY A 56 25.82 -10.31 14.10
CA GLY A 56 25.76 -11.58 13.38
C GLY A 56 26.10 -11.42 11.91
N GLY A 57 26.38 -10.19 11.51
CA GLY A 57 26.78 -9.90 10.14
C GLY A 57 25.63 -9.87 9.15
N GLY A 58 25.98 -9.78 7.87
CA GLY A 58 24.96 -9.73 6.84
C GLY A 58 24.93 -8.35 6.18
N PRO A 59 24.12 -8.23 5.12
CA PRO A 59 24.07 -6.97 4.38
C PRO A 59 23.18 -5.95 5.05
N GLY A 60 23.36 -4.69 4.69
CA GLY A 60 22.45 -3.64 5.14
C GLY A 60 22.76 -3.17 6.53
N MET A 61 21.89 -2.32 7.03
CA MET A 61 22.06 -1.68 8.33
C MET A 61 20.78 -1.85 9.14
N VAL A 62 20.87 -1.65 10.44
CA VAL A 62 19.72 -1.81 11.33
C VAL A 62 19.49 -0.49 12.08
N MET A 63 18.24 -0.09 12.25
CA MET A 63 18.02 1.17 12.95
C MET A 63 18.26 1.01 14.45
N LYS A 64 18.86 2.04 15.04
CA LYS A 64 19.34 2.00 16.42
C LYS A 64 18.22 1.97 17.44
N PRO A 65 18.29 1.05 18.41
CA PRO A 65 17.23 1.00 19.41
C PRO A 65 17.20 2.22 20.34
N THR A 66 18.36 2.81 20.64
CA THR A 66 18.37 3.93 21.58
C THR A 66 17.61 5.15 21.03
N VAL A 67 17.74 5.43 19.73
CA VAL A 67 17.02 6.53 19.09
C VAL A 67 15.51 6.28 19.07
N TRP A 68 15.12 5.11 18.57
CA TRP A 68 13.70 4.75 18.54
C TRP A 68 13.08 4.69 19.93
N GLY A 69 13.83 4.19 20.91
CA GLY A 69 13.31 4.08 22.26
C GLY A 69 12.95 5.45 22.83
N ASP A 70 13.82 6.43 22.61
CA ASP A 70 13.56 7.78 23.06
C ASP A 70 12.36 8.41 22.36
N ALA A 71 12.26 8.19 21.05
CA ALA A 71 11.15 8.75 20.28
C ALA A 71 9.82 8.20 20.77
N LEU A 72 9.74 6.89 20.88
CA LEU A 72 8.48 6.27 21.30
C LEU A 72 8.15 6.60 22.76
N ASP A 73 9.17 6.74 23.61
CA ASP A 73 8.94 7.13 25.00
C ASP A 73 8.22 8.48 25.08
N GLU A 74 8.54 9.38 24.16
CA GLU A 74 7.96 10.71 24.19
C GLU A 74 6.56 10.74 23.58
N ILE A 75 6.35 9.94 22.54
CA ILE A 75 5.12 10.01 21.76
CA ILE A 75 5.12 10.01 21.76
C ILE A 75 4.03 9.05 22.25
N CYS A 76 4.42 7.88 22.73
CA CYS A 76 3.43 6.87 23.10
C CYS A 76 2.95 6.98 24.54
N THR A 77 1.73 6.50 24.77
CA THR A 77 1.23 6.27 26.12
C THR A 77 0.74 4.83 26.21
N SER A 78 0.25 4.44 27.38
CA SER A 78 -0.28 3.10 27.57
C SER A 78 -1.48 2.79 26.67
N GLU A 79 -2.15 3.83 26.17
CA GLU A 79 -3.33 3.64 25.37
C GLU A 79 -2.99 3.58 23.87
N THR A 80 -1.74 3.87 23.55
CA THR A 80 -1.29 3.85 22.14
C THR A 80 -1.37 2.46 21.50
N LEU A 81 -1.84 2.43 20.25
CA LEU A 81 -1.66 1.24 19.41
C LEU A 81 -0.47 1.53 18.53
N LEU A 82 0.63 0.82 18.78
CA LEU A 82 1.85 1.06 18.02
C LEU A 82 1.88 0.15 16.82
N VAL A 83 1.92 0.77 15.65
CA VAL A 83 1.92 0.05 14.37
C VAL A 83 3.31 0.10 13.76
N VAL A 84 3.87 -1.07 13.46
CA VAL A 84 5.21 -1.15 12.89
C VAL A 84 5.16 -1.89 11.56
N PRO A 85 5.16 -1.14 10.44
CA PRO A 85 5.25 -1.83 9.14
C PRO A 85 6.53 -2.65 9.02
N THR A 86 6.42 -3.82 8.41
CA THR A 86 7.59 -4.69 8.21
C THR A 86 7.22 -5.75 7.17
N PRO A 87 8.17 -6.10 6.30
CA PRO A 87 7.88 -7.15 5.34
C PRO A 87 7.61 -8.50 6.04
N ALA A 88 7.99 -8.61 7.31
CA ALA A 88 7.77 -9.84 8.07
C ALA A 88 6.54 -9.76 8.96
N GLY A 89 5.63 -8.83 8.67
CA GLY A 89 4.52 -8.61 9.59
C GLY A 89 3.32 -9.53 9.34
N TYR A 90 2.40 -9.54 10.31
CA TYR A 90 1.06 -10.10 10.10
C TYR A 90 0.39 -9.33 8.96
N PRO A 91 -0.49 -9.98 8.19
CA PRO A 91 -1.16 -9.27 7.09
C PRO A 91 -2.09 -8.16 7.57
N PHE A 92 -1.90 -6.97 7.01
CA PHE A 92 -2.86 -5.88 7.18
C PHE A 92 -4.00 -6.08 6.19
N THR A 93 -5.21 -6.22 6.71
CA THR A 93 -6.38 -6.44 5.86
C THR A 93 -7.48 -5.46 6.21
N GLN A 94 -8.59 -5.53 5.48
CA GLN A 94 -9.72 -4.68 5.79
C GLN A 94 -10.25 -4.91 7.21
N GLU A 95 -10.18 -6.15 7.70
CA GLU A 95 -10.56 -6.44 9.09
C GLU A 95 -9.68 -5.65 10.05
N THR A 96 -8.39 -5.59 9.76
CA THR A 96 -7.48 -4.79 10.56
C THR A 96 -7.88 -3.33 10.55
N ALA A 97 -8.14 -2.81 9.36
CA ALA A 97 -8.47 -1.40 9.21
C ALA A 97 -9.72 -1.06 10.02
N TRP A 98 -10.71 -1.95 9.99
CA TRP A 98 -11.94 -1.76 10.76
C TRP A 98 -11.63 -1.69 12.24
N GLN A 99 -10.83 -2.65 12.71
CA GLN A 99 -10.48 -2.70 14.12
C GLN A 99 -9.77 -1.43 14.56
N TRP A 100 -8.85 -0.95 13.73
CA TRP A 100 -8.07 0.21 14.12
C TRP A 100 -8.83 1.54 13.98
N SER A 101 -9.93 1.54 13.23
CA SER A 101 -10.64 2.79 12.98
C SER A 101 -11.32 3.35 14.22
N THR A 102 -11.42 2.55 15.28
CA THR A 102 -12.04 3.04 16.52
C THR A 102 -10.98 3.40 17.57
N GLU A 103 -9.70 3.32 17.21
CA GLU A 103 -8.63 3.64 18.17
C GLU A 103 -8.52 5.14 18.43
N ASP A 104 -8.12 5.51 19.65
CA ASP A 104 -7.91 6.91 19.99
C ASP A 104 -6.56 7.42 19.51
N HIS A 105 -5.57 6.54 19.50
CA HIS A 105 -4.19 6.95 19.22
C HIS A 105 -3.39 5.87 18.50
N LEU A 106 -3.07 6.12 17.24
CA LEU A 106 -2.17 5.25 16.50
C LEU A 106 -0.82 5.92 16.38
N VAL A 107 0.25 5.17 16.61
CA VAL A 107 1.59 5.65 16.31
C VAL A 107 2.18 4.69 15.29
N ILE A 108 2.64 5.24 14.17
CA ILE A 108 3.21 4.39 13.12
C ILE A 108 4.71 4.62 13.04
N ALA A 109 5.46 3.57 13.35
CA ALA A 109 6.91 3.65 13.37
C ALA A 109 7.48 3.16 12.05
N CYS A 110 7.91 4.10 11.20
CA CYS A 110 8.42 3.75 9.87
C CYS A 110 9.91 3.47 9.86
N GLY A 111 10.29 2.22 9.55
CA GLY A 111 11.68 1.88 9.42
C GLY A 111 12.24 2.13 8.03
N ARG A 112 13.56 2.10 7.94
CA ARG A 112 14.30 2.10 6.68
C ARG A 112 15.45 1.11 6.83
N TYR A 113 16.33 1.04 5.83
CA TYR A 113 17.43 0.06 5.85
C TYR A 113 16.88 -1.37 6.00
N GLU A 114 17.43 -2.18 6.89
CA GLU A 114 16.91 -3.55 7.06
C GLU A 114 15.81 -3.64 8.08
N GLY A 115 15.46 -2.51 8.70
CA GLY A 115 14.43 -2.50 9.73
C GLY A 115 14.92 -1.97 11.06
N ILE A 116 14.12 -2.14 12.09
CA ILE A 116 14.42 -1.61 13.43
C ILE A 116 14.85 -2.72 14.34
N ASP A 117 15.89 -2.48 15.16
CA ASP A 117 16.31 -3.42 16.18
C ASP A 117 15.07 -4.00 16.88
N GLN A 118 14.97 -5.33 16.96
CA GLN A 118 13.76 -5.98 17.44
C GLN A 118 13.41 -5.62 18.88
N ARG A 119 14.41 -5.21 19.67
CA ARG A 119 14.14 -4.87 21.06
C ARG A 119 13.23 -3.65 21.22
N VAL A 120 13.16 -2.78 20.19
CA VAL A 120 12.27 -1.63 20.28
C VAL A 120 10.81 -2.07 20.40
N ALA A 121 10.37 -2.91 19.48
CA ALA A 121 9.01 -3.43 19.53
C ALA A 121 8.79 -4.32 20.75
N ASP A 122 9.77 -5.16 21.05
CA ASP A 122 9.66 -6.07 22.18
C ASP A 122 9.51 -5.29 23.51
N ASP A 123 10.31 -4.24 23.67
CA ASP A 123 10.20 -3.39 24.87
C ASP A 123 8.86 -2.66 24.89
N ALA A 124 8.47 -2.08 23.76
CA ALA A 124 7.18 -1.38 23.71
C ALA A 124 6.02 -2.28 24.10
N ALA A 125 6.10 -3.54 23.68
CA ALA A 125 5.02 -4.50 23.89
C ALA A 125 4.81 -4.84 25.35
N THR A 126 5.76 -4.48 26.21
CA THR A 126 5.59 -4.73 27.64
C THR A 126 4.73 -3.66 28.30
N ARG A 127 4.37 -2.59 27.58
CA ARG A 127 3.51 -1.60 28.21
C ARG A 127 2.46 -0.97 27.29
N MET A 128 2.39 -1.44 26.05
CA MET A 128 1.34 -0.99 25.14
C MET A 128 1.06 -2.09 24.10
N ARG A 129 -0.03 -1.94 23.37
CA ARG A 129 -0.34 -2.87 22.30
C ARG A 129 0.52 -2.57 21.08
N VAL A 130 1.22 -3.59 20.57
CA VAL A 130 2.09 -3.42 19.41
C VAL A 130 1.64 -4.36 18.28
N ARG A 131 1.63 -3.84 17.05
CA ARG A 131 1.21 -4.62 15.87
C ARG A 131 2.22 -4.51 14.75
N GLU A 132 2.94 -5.60 14.47
CA GLU A 132 3.86 -5.62 13.34
C GLU A 132 3.08 -6.13 12.12
N VAL A 133 2.99 -5.33 11.06
CA VAL A 133 2.10 -5.70 9.96
C VAL A 133 2.75 -5.45 8.61
N SER A 134 2.27 -6.16 7.59
CA SER A 134 2.70 -5.97 6.22
CA SER A 134 2.71 -5.95 6.23
C SER A 134 1.52 -5.70 5.31
N ILE A 135 1.65 -4.75 4.38
CA ILE A 135 0.54 -4.41 3.48
C ILE A 135 0.46 -5.26 2.21
N GLY A 136 1.44 -6.12 1.99
CA GLY A 136 1.37 -6.97 0.81
C GLY A 136 2.61 -7.78 0.56
N ASP A 137 2.52 -8.70 -0.41
CA ASP A 137 3.66 -9.62 -0.61
C ASP A 137 4.62 -9.12 -1.66
N TYR A 138 5.26 -7.99 -1.36
CA TYR A 138 6.24 -7.37 -2.23
C TYR A 138 7.15 -6.64 -1.26
N VAL A 139 8.31 -6.20 -1.75
CA VAL A 139 9.31 -5.55 -0.89
C VAL A 139 9.43 -4.07 -1.20
N LEU A 140 9.31 -3.23 -0.16
CA LEU A 140 9.44 -1.79 -0.30
C LEU A 140 10.80 -1.32 0.23
N ASN A 141 11.08 -0.03 0.13
CA ASN A 141 12.34 0.52 0.67
C ASN A 141 12.26 0.85 2.15
N GLY A 142 11.05 0.94 2.67
CA GLY A 142 10.87 1.32 4.06
C GLY A 142 9.39 1.39 4.38
N GLY A 143 9.07 1.81 5.60
CA GLY A 143 7.69 1.79 6.07
C GLY A 143 6.77 2.92 5.61
N GLU A 144 7.32 3.95 4.98
CA GLU A 144 6.52 5.14 4.68
C GLU A 144 5.36 4.87 3.71
N ALA A 145 5.62 4.15 2.63
CA ALA A 145 4.53 3.87 1.70
C ALA A 145 3.46 3.01 2.37
N ALA A 146 3.90 2.14 3.27
CA ALA A 146 2.96 1.30 3.99
C ALA A 146 2.12 2.17 4.93
N ALA A 147 2.74 3.16 5.55
CA ALA A 147 2.02 4.08 6.42
C ALA A 147 0.93 4.81 5.66
N LEU A 148 1.24 5.26 4.44
CA LEU A 148 0.25 5.96 3.62
C LEU A 148 -0.97 5.08 3.36
N VAL A 149 -0.72 3.83 3.02
CA VAL A 149 -1.78 2.88 2.76
C VAL A 149 -2.62 2.59 4.01
N ILE A 150 -1.94 2.35 5.12
CA ILE A 150 -2.64 2.10 6.37
C ILE A 150 -3.50 3.29 6.79
N ILE A 151 -2.92 4.50 6.70
CA ILE A 151 -3.65 5.70 7.12
C ILE A 151 -4.90 5.88 6.25
N GLU A 152 -4.74 5.70 4.95
CA GLU A 152 -5.88 5.88 4.07
C GLU A 152 -6.97 4.83 4.32
N ALA A 153 -6.57 3.57 4.43
CA ALA A 153 -7.53 2.48 4.65
C ALA A 153 -8.28 2.64 5.97
N VAL A 154 -7.56 3.11 7.00
CA VAL A 154 -8.19 3.26 8.30
C VAL A 154 -9.08 4.51 8.35
N LEU A 155 -8.58 5.64 7.85
CA LEU A 155 -9.31 6.91 8.03
C LEU A 155 -10.55 6.98 7.17
N ARG A 156 -10.59 6.24 6.06
CA ARG A 156 -11.79 6.28 5.24
C ARG A 156 -12.93 5.52 5.94
N LEU A 157 -12.62 4.79 7.00
CA LEU A 157 -13.63 4.10 7.81
C LEU A 157 -14.08 4.93 9.01
N VAL A 158 -13.43 6.07 9.24
CA VAL A 158 -13.85 6.96 10.31
C VAL A 158 -14.87 7.96 9.76
N PRO A 159 -16.10 7.93 10.29
CA PRO A 159 -17.22 8.73 9.80
C PRO A 159 -16.86 10.19 9.50
N GLY A 160 -16.89 10.53 8.21
CA GLY A 160 -16.71 11.90 7.76
C GLY A 160 -15.30 12.46 7.81
N VAL A 161 -14.29 11.61 7.66
CA VAL A 161 -12.91 12.09 7.76
C VAL A 161 -12.26 12.39 6.41
N LEU A 162 -12.33 11.48 5.45
CA LEU A 162 -11.61 11.69 4.18
C LEU A 162 -12.49 12.28 3.06
N GLY A 163 -13.75 12.54 3.37
CA GLY A 163 -14.66 13.14 2.40
C GLY A 163 -15.78 12.20 1.97
N SER A 179 -15.68 -13.79 0.40
CA SER A 179 -16.19 -12.61 -0.30
C SER A 179 -15.87 -12.70 -1.79
N LEU A 180 -16.45 -11.80 -2.56
CA LEU A 180 -16.26 -11.77 -4.00
C LEU A 180 -15.71 -10.43 -4.46
N LEU A 181 -15.09 -10.41 -5.63
CA LEU A 181 -14.61 -9.16 -6.23
C LEU A 181 -15.74 -8.41 -6.89
N GLU A 182 -15.68 -7.08 -6.87
CA GLU A 182 -16.66 -6.29 -7.60
C GLU A 182 -16.48 -6.46 -9.10
N GLY A 183 -17.59 -6.48 -9.83
CA GLY A 183 -17.54 -6.62 -11.28
C GLY A 183 -17.33 -5.27 -11.95
N PRO A 184 -17.41 -5.26 -13.28
CA PRO A 184 -17.16 -4.03 -14.04
C PRO A 184 -18.26 -2.98 -13.85
N SER A 185 -17.88 -1.71 -13.98
CA SER A 185 -18.81 -0.60 -13.88
CA SER A 185 -18.84 -0.62 -13.90
C SER A 185 -18.82 0.20 -15.18
N TYR A 186 -19.94 0.84 -15.48
CA TYR A 186 -20.09 1.62 -16.69
C TYR A 186 -20.83 2.93 -16.45
N THR A 187 -20.48 3.96 -17.20
CA THR A 187 -21.30 5.18 -17.19
C THR A 187 -21.40 5.75 -18.60
N ARG A 188 -21.92 6.97 -18.74
CA ARG A 188 -22.06 7.61 -20.05
C ARG A 188 -20.70 7.77 -20.74
N PRO A 189 -20.68 7.65 -22.07
CA PRO A 189 -21.81 7.45 -22.98
C PRO A 189 -22.19 5.99 -23.20
N PRO A 190 -23.40 5.73 -23.70
CA PRO A 190 -23.88 4.36 -23.87
C PRO A 190 -23.05 3.56 -24.89
N SER A 191 -22.43 4.27 -25.83
CA SER A 191 -21.55 3.63 -26.80
CA SER A 191 -21.55 3.64 -26.82
C SER A 191 -20.27 4.45 -26.94
N TRP A 192 -19.13 3.77 -26.91
CA TRP A 192 -17.84 4.45 -26.94
C TRP A 192 -16.80 3.55 -27.57
N ARG A 193 -16.15 4.08 -28.61
CA ARG A 193 -15.15 3.35 -29.38
C ARG A 193 -15.60 1.93 -29.74
N GLY A 194 -16.86 1.81 -30.13
CA GLY A 194 -17.39 0.55 -30.62
C GLY A 194 -17.84 -0.41 -29.54
N MET A 195 -17.73 0.02 -28.28
CA MET A 195 -18.16 -0.81 -27.16
C MET A 195 -19.39 -0.23 -26.47
N ASP A 196 -20.45 -1.04 -26.47
CA ASP A 196 -21.73 -0.69 -25.85
C ASP A 196 -21.74 -1.11 -24.39
N VAL A 197 -22.34 -0.31 -23.53
CA VAL A 197 -22.64 -0.75 -22.18
C VAL A 197 -23.57 -1.98 -22.27
N PRO A 198 -23.33 -3.01 -21.44
CA PRO A 198 -24.19 -4.21 -21.44
C PRO A 198 -25.66 -3.85 -21.34
N PRO A 199 -26.46 -4.24 -22.34
CA PRO A 199 -27.88 -3.84 -22.42
C PRO A 199 -28.68 -4.14 -21.16
N VAL A 200 -28.31 -5.19 -20.43
CA VAL A 200 -29.07 -5.55 -19.24
C VAL A 200 -29.11 -4.37 -18.25
N LEU A 201 -28.05 -3.57 -18.23
CA LEU A 201 -27.95 -2.46 -17.27
C LEU A 201 -28.93 -1.35 -17.60
N LEU A 202 -29.40 -1.34 -18.83
CA LEU A 202 -30.34 -0.30 -19.25
C LEU A 202 -31.76 -0.85 -19.38
N SER A 203 -31.97 -2.06 -18.86
CA SER A 203 -33.23 -2.80 -19.03
C SER A 203 -34.36 -2.41 -18.08
N GLY A 204 -34.01 -1.81 -16.95
CA GLY A 204 -35.00 -1.51 -15.94
C GLY A 204 -35.56 -2.73 -15.23
N ASP A 205 -34.89 -3.87 -15.40
CA ASP A 205 -35.23 -5.08 -14.68
C ASP A 205 -34.20 -5.23 -13.57
N HIS A 206 -34.52 -4.74 -12.38
CA HIS A 206 -33.47 -4.61 -11.39
C HIS A 206 -33.11 -5.92 -10.71
N ALA A 207 -34.02 -6.90 -10.71
CA ALA A 207 -33.63 -8.22 -10.22
C ALA A 207 -32.65 -8.88 -11.19
N LYS A 208 -32.92 -8.77 -12.49
CA LYS A 208 -32.00 -9.32 -13.51
C LYS A 208 -30.63 -8.63 -13.46
N ILE A 209 -30.64 -7.31 -13.27
CA ILE A 209 -29.38 -6.57 -13.14
C ILE A 209 -28.57 -7.10 -11.95
N ALA A 210 -29.23 -7.31 -10.82
CA ALA A 210 -28.52 -7.81 -9.63
C ALA A 210 -27.90 -9.18 -9.90
N ALA A 211 -28.64 -10.02 -10.61
CA ALA A 211 -28.17 -11.37 -10.94
C ALA A 211 -27.01 -11.31 -11.91
N TRP A 212 -27.09 -10.38 -12.87
CA TRP A 212 -26.00 -10.21 -13.82
C TRP A 212 -24.73 -9.77 -13.10
N ARG A 213 -24.87 -8.79 -12.21
CA ARG A 213 -23.71 -8.32 -11.47
C ARG A 213 -23.12 -9.42 -10.60
N ALA A 214 -23.98 -10.23 -10.00
CA ALA A 214 -23.51 -11.32 -9.14
C ALA A 214 -22.69 -12.32 -9.96
N GLU A 215 -23.15 -12.63 -11.17
CA GLU A 215 -22.43 -13.57 -12.02
C GLU A 215 -21.10 -12.99 -12.50
N GLN A 216 -21.09 -11.69 -12.82
CA GLN A 216 -19.85 -11.03 -13.19
C GLN A 216 -18.84 -11.11 -12.03
N SER A 217 -19.31 -10.85 -10.81
CA SER A 217 -18.46 -10.93 -9.62
CA SER A 217 -18.45 -10.93 -9.64
C SER A 217 -17.89 -12.33 -9.44
N ARG A 218 -18.77 -13.33 -9.58
CA ARG A 218 -18.34 -14.72 -9.44
C ARG A 218 -17.26 -15.08 -10.47
N GLN A 219 -17.51 -14.74 -11.73
CA GLN A 219 -16.54 -15.04 -12.79
C GLN A 219 -15.20 -14.33 -12.56
N ARG A 220 -15.25 -13.06 -12.18
CA ARG A 220 -14.02 -12.31 -11.96
C ARG A 220 -13.24 -12.88 -10.78
N THR A 221 -13.94 -13.35 -9.75
CA THR A 221 -13.27 -13.89 -8.57
C THR A 221 -12.57 -15.20 -8.95
N ILE A 222 -13.26 -16.05 -9.69
CA ILE A 222 -12.65 -17.30 -10.17
C ILE A 222 -11.37 -17.04 -10.98
N GLU A 223 -11.42 -16.06 -11.89
CA GLU A 223 -10.31 -15.76 -12.77
C GLU A 223 -9.13 -15.10 -12.04
N ARG A 224 -9.44 -14.14 -11.16
CA ARG A 224 -8.41 -13.30 -10.58
C ARG A 224 -7.98 -13.67 -9.18
N ARG A 225 -8.89 -14.24 -8.39
CA ARG A 225 -8.62 -14.56 -7.00
C ARG A 225 -9.25 -15.90 -6.62
N PRO A 226 -8.80 -16.99 -7.27
CA PRO A 226 -9.41 -18.28 -6.92
C PRO A 226 -9.15 -18.68 -5.47
N ASP A 227 -8.20 -18.02 -4.82
CA ASP A 227 -7.89 -18.29 -3.42
C ASP A 227 -9.05 -17.92 -2.50
N LEU A 228 -9.92 -17.03 -2.97
CA LEU A 228 -11.05 -16.57 -2.16
C LEU A 228 -12.20 -17.57 -2.22
N LEU A 229 -12.02 -18.63 -2.98
CA LEU A 229 -13.06 -19.64 -3.18
C LEU A 229 -12.63 -21.01 -2.70
N SER B 2 16.65 1.04 -18.36
CA SER B 2 16.00 2.33 -18.59
C SER B 2 14.48 2.16 -18.58
N MET B 3 13.80 2.98 -17.79
CA MET B 3 12.34 2.91 -17.67
C MET B 3 11.71 4.29 -17.55
N LYS B 4 10.61 4.48 -18.24
CA LYS B 4 9.79 5.68 -18.08
C LYS B 4 8.48 5.28 -17.39
N ILE B 5 8.07 6.06 -16.39
CA ILE B 5 6.77 5.84 -15.75
C ILE B 5 5.91 7.10 -15.83
N ASP B 6 4.72 6.97 -16.41
CA ASP B 6 3.72 8.03 -16.40
C ASP B 6 2.56 7.67 -15.48
N VAL B 7 2.20 8.58 -14.59
CA VAL B 7 1.05 8.39 -13.71
C VAL B 7 -0.04 9.40 -14.06
N VAL B 8 -1.26 8.91 -14.28
CA VAL B 8 -2.38 9.77 -14.64
C VAL B 8 -3.40 9.76 -13.51
N THR B 9 -3.77 10.94 -13.03
CA THR B 9 -4.56 11.07 -11.81
C THR B 9 -5.31 12.39 -11.78
N ILE B 10 -6.44 12.45 -11.08
CA ILE B 10 -7.09 13.75 -10.85
C ILE B 10 -6.55 14.41 -9.58
N PHE B 11 -5.63 13.73 -8.89
CA PHE B 11 -4.95 14.31 -7.71
C PHE B 11 -3.43 14.26 -7.84
N PRO B 12 -2.86 15.06 -8.77
CA PRO B 12 -1.41 15.09 -8.99
C PRO B 12 -0.61 15.38 -7.73
N GLU B 13 -1.14 16.24 -6.86
CA GLU B 13 -0.45 16.65 -5.64
C GLU B 13 -0.14 15.46 -4.73
N TYR B 14 -1.01 14.46 -4.73
CA TYR B 14 -0.78 13.28 -3.91
C TYR B 14 0.49 12.53 -4.32
N LEU B 15 0.90 12.63 -5.58
CA LEU B 15 2.02 11.83 -6.08
C LEU B 15 3.40 12.43 -5.78
N GLN B 16 3.42 13.56 -5.08
CA GLN B 16 4.66 14.26 -4.73
C GLN B 16 5.80 13.44 -4.09
N PRO B 17 5.49 12.40 -3.28
CA PRO B 17 6.61 11.60 -2.75
C PRO B 17 7.45 10.88 -3.80
N VAL B 18 6.93 10.74 -5.02
CA VAL B 18 7.68 10.08 -6.09
C VAL B 18 8.74 11.01 -6.67
N GLY B 30 20.02 8.77 -13.85
CA GLY B 30 18.99 9.03 -14.83
C GLY B 30 18.57 7.78 -15.60
N LEU B 31 18.53 6.66 -14.90
CA LEU B 31 18.13 5.40 -15.51
C LEU B 31 16.61 5.26 -15.54
N VAL B 32 15.93 6.17 -14.85
CA VAL B 32 14.48 6.12 -14.78
C VAL B 32 13.88 7.51 -14.59
N ASP B 33 12.76 7.77 -15.28
CA ASP B 33 12.03 9.02 -15.12
C ASP B 33 10.59 8.73 -14.75
N VAL B 34 10.04 9.56 -13.87
CA VAL B 34 8.64 9.45 -13.48
C VAL B 34 7.95 10.77 -13.75
N ALA B 35 6.82 10.73 -14.46
CA ALA B 35 6.06 11.94 -14.72
C ALA B 35 4.62 11.77 -14.27
N VAL B 36 4.05 12.82 -13.69
CA VAL B 36 2.68 12.80 -13.20
C VAL B 36 1.81 13.74 -14.03
N HIS B 37 0.67 13.24 -14.50
CA HIS B 37 -0.24 14.02 -15.34
C HIS B 37 -1.62 14.20 -14.72
N ASP B 38 -2.11 15.43 -14.75
CA ASP B 38 -3.47 15.75 -14.31
C ASP B 38 -4.46 15.33 -15.39
N LEU B 39 -5.36 14.41 -15.05
CA LEU B 39 -6.32 13.87 -16.01
C LEU B 39 -7.23 14.98 -16.57
N ARG B 40 -7.49 16.00 -15.76
CA ARG B 40 -8.42 17.06 -16.17
C ARG B 40 -7.88 17.91 -17.31
N ARG B 41 -6.59 17.79 -17.60
CA ARG B 41 -6.00 18.49 -18.73
C ARG B 41 -6.61 18.02 -20.07
N TRP B 42 -7.33 16.91 -20.04
CA TRP B 42 -7.92 16.36 -21.25
C TRP B 42 -9.44 16.52 -21.29
N THR B 43 -9.97 17.43 -20.48
CA THR B 43 -11.41 17.70 -20.50
C THR B 43 -11.74 18.92 -21.36
N HIS B 44 -12.97 18.93 -21.88
CA HIS B 44 -13.45 20.06 -22.68
C HIS B 44 -14.64 20.74 -21.98
N ASP B 45 -14.87 20.38 -20.73
CA ASP B 45 -16.02 20.89 -19.98
C ASP B 45 -15.63 22.03 -19.04
N VAL B 46 -16.56 22.96 -18.84
CA VAL B 46 -16.34 24.09 -17.94
C VAL B 46 -16.40 23.65 -16.48
N SER B 49 -16.16 17.74 -16.09
CA SER B 49 -16.68 16.67 -15.23
C SER B 49 -16.18 15.31 -15.68
N VAL B 50 -15.46 14.62 -14.80
CA VAL B 50 -14.83 13.37 -15.18
C VAL B 50 -15.67 12.15 -14.79
N ASP B 51 -16.73 12.36 -14.03
CA ASP B 51 -17.51 11.24 -13.50
C ASP B 51 -19.02 11.39 -13.69
N ASP B 52 -19.74 10.27 -13.64
CA ASP B 52 -21.20 10.31 -13.66
C ASP B 52 -21.75 9.07 -12.99
N SER B 53 -23.07 9.02 -12.81
CA SER B 53 -23.71 7.91 -12.12
C SER B 53 -23.60 6.61 -12.90
N PRO B 54 -23.56 5.47 -12.20
CA PRO B 54 -23.41 4.17 -12.88
C PRO B 54 -24.64 3.76 -13.66
N TYR B 55 -24.43 3.24 -14.86
CA TYR B 55 -25.52 2.54 -15.52
C TYR B 55 -25.90 1.33 -14.68
N GLY B 56 -27.21 1.08 -14.60
CA GLY B 56 -27.71 -0.04 -13.81
C GLY B 56 -27.92 0.32 -12.34
N GLY B 57 -27.49 1.51 -11.96
CA GLY B 57 -27.69 1.95 -10.59
C GLY B 57 -26.60 1.54 -9.62
N GLY B 58 -26.75 1.97 -8.39
CA GLY B 58 -25.73 1.69 -7.40
C GLY B 58 -25.19 2.98 -6.81
N PRO B 59 -24.42 2.86 -5.74
CA PRO B 59 -23.89 4.03 -5.03
C PRO B 59 -22.68 4.62 -5.74
N GLY B 60 -22.45 5.91 -5.53
CA GLY B 60 -21.23 6.53 -5.98
C GLY B 60 -21.23 6.89 -7.46
N MET B 61 -20.05 7.17 -7.96
CA MET B 61 -19.90 7.65 -9.33
C MET B 61 -18.83 6.84 -10.04
N VAL B 62 -18.86 6.88 -11.37
CA VAL B 62 -17.92 6.14 -12.19
C VAL B 62 -17.19 7.12 -13.07
N MET B 63 -15.89 6.93 -13.26
CA MET B 63 -15.17 7.84 -14.14
C MET B 63 -15.51 7.53 -15.60
N LYS B 64 -15.85 8.58 -16.35
CA LYS B 64 -16.21 8.44 -17.77
C LYS B 64 -15.02 7.99 -18.63
N PRO B 65 -15.28 7.17 -19.65
CA PRO B 65 -14.21 6.61 -20.47
C PRO B 65 -13.62 7.65 -21.42
N THR B 66 -14.43 8.65 -21.76
CA THR B 66 -14.03 9.64 -22.76
C THR B 66 -12.74 10.37 -22.42
N VAL B 67 -12.68 10.94 -21.22
CA VAL B 67 -11.50 11.68 -20.80
C VAL B 67 -10.28 10.76 -20.70
N TRP B 68 -10.48 9.57 -20.14
CA TRP B 68 -9.37 8.61 -20.05
C TRP B 68 -8.83 8.22 -21.42
N GLY B 69 -9.73 7.98 -22.36
CA GLY B 69 -9.34 7.57 -23.70
C GLY B 69 -8.45 8.62 -24.36
N ASP B 70 -8.81 9.87 -24.21
CA ASP B 70 -8.03 10.95 -24.80
C ASP B 70 -6.65 11.06 -24.14
N ALA B 71 -6.60 10.94 -22.82
CA ALA B 71 -5.33 11.02 -22.11
C ALA B 71 -4.42 9.85 -22.52
N LEU B 72 -4.98 8.65 -22.56
CA LEU B 72 -4.15 7.47 -22.82
C LEU B 72 -3.71 7.41 -24.28
N ASP B 73 -4.53 7.96 -25.17
CA ASP B 73 -4.16 8.07 -26.58
C ASP B 73 -2.87 8.84 -26.73
N GLU B 74 -2.72 9.88 -25.92
CA GLU B 74 -1.58 10.80 -26.03
C GLU B 74 -0.35 10.25 -25.32
N ILE B 75 -0.56 9.47 -24.27
CA ILE B 75 0.53 9.05 -23.41
C ILE B 75 1.06 7.66 -23.78
N CYS B 76 0.19 6.76 -24.21
CA CYS B 76 0.57 5.37 -24.46
C CYS B 76 0.99 5.08 -25.89
N THR B 77 1.85 4.06 -26.03
CA THR B 77 2.13 3.45 -27.33
C THR B 77 1.78 1.98 -27.23
N SER B 78 1.98 1.24 -28.33
CA SER B 78 1.69 -0.18 -28.33
C SER B 78 2.69 -0.99 -27.47
N GLU B 79 3.78 -0.37 -27.06
CA GLU B 79 4.80 -1.04 -26.24
C GLU B 79 4.53 -0.83 -24.74
N THR B 80 3.65 0.12 -24.45
CA THR B 80 3.31 0.50 -23.07
C THR B 80 2.68 -0.66 -22.30
N LEU B 81 3.05 -0.79 -21.01
CA LEU B 81 2.31 -1.64 -20.11
C LEU B 81 1.39 -0.74 -19.29
N LEU B 82 0.08 -0.83 -19.54
CA LEU B 82 -0.89 -0.02 -18.81
C LEU B 82 -1.29 -0.73 -17.53
N VAL B 83 -0.96 -0.09 -16.40
CA VAL B 83 -1.25 -0.63 -15.07
C VAL B 83 -2.45 0.10 -14.48
N VAL B 84 -3.47 -0.65 -14.07
CA VAL B 84 -4.68 -0.06 -13.52
C VAL B 84 -4.96 -0.60 -12.12
N PRO B 85 -4.60 0.16 -11.08
CA PRO B 85 -4.93 -0.27 -9.73
C PRO B 85 -6.44 -0.39 -9.54
N THR B 86 -6.88 -1.45 -8.88
CA THR B 86 -8.29 -1.64 -8.58
C THR B 86 -8.42 -2.67 -7.47
N PRO B 87 -9.37 -2.48 -6.56
CA PRO B 87 -9.55 -3.49 -5.52
C PRO B 87 -9.96 -4.84 -6.06
N ALA B 88 -10.41 -4.88 -7.31
CA ALA B 88 -10.79 -6.14 -7.94
C ALA B 88 -9.70 -6.67 -8.88
N GLY B 89 -8.47 -6.24 -8.67
CA GLY B 89 -7.39 -6.62 -9.56
C GLY B 89 -6.78 -7.99 -9.26
N TYR B 90 -5.97 -8.49 -10.19
CA TYR B 90 -5.09 -9.62 -9.89
C TYR B 90 -4.11 -9.16 -8.81
N PRO B 91 -3.64 -10.07 -7.94
CA PRO B 91 -2.71 -9.58 -6.91
C PRO B 91 -1.39 -9.07 -7.49
N PHE B 92 -0.95 -7.92 -7.00
CA PHE B 92 0.41 -7.43 -7.26
C PHE B 92 1.35 -8.01 -6.21
N THR B 93 2.32 -8.80 -6.66
CA THR B 93 3.29 -9.44 -5.78
C THR B 93 4.72 -9.14 -6.20
N GLN B 94 5.68 -9.69 -5.46
CA GLN B 94 7.08 -9.47 -5.78
C GLN B 94 7.38 -10.07 -7.15
N GLU B 95 6.69 -11.16 -7.49
CA GLU B 95 6.86 -11.72 -8.84
C GLU B 95 6.43 -10.71 -9.90
N THR B 96 5.32 -10.02 -9.67
CA THR B 96 4.88 -8.97 -10.58
C THR B 96 5.92 -7.87 -10.68
N ALA B 97 6.51 -7.51 -9.54
CA ALA B 97 7.49 -6.43 -9.53
C ALA B 97 8.72 -6.81 -10.39
N TRP B 98 9.20 -8.04 -10.23
CA TRP B 98 10.28 -8.53 -11.08
C TRP B 98 9.91 -8.49 -12.56
N GLN B 99 8.69 -8.93 -12.87
CA GLN B 99 8.25 -8.97 -14.26
C GLN B 99 8.24 -7.56 -14.85
N TRP B 100 7.78 -6.58 -14.07
CA TRP B 100 7.63 -5.24 -14.62
C TRP B 100 8.96 -4.46 -14.63
N SER B 101 9.96 -4.95 -13.89
CA SER B 101 11.20 -4.20 -13.73
C SER B 101 12.02 -4.04 -15.01
N THR B 102 11.73 -4.86 -16.01
CA THR B 102 12.48 -4.79 -17.26
C THR B 102 11.66 -4.12 -18.36
N GLU B 103 10.54 -3.51 -17.99
CA GLU B 103 9.71 -2.79 -18.96
C GLU B 103 10.30 -1.44 -19.33
N ASP B 104 10.07 -1.03 -20.57
CA ASP B 104 10.50 0.28 -21.04
C ASP B 104 9.55 1.38 -20.60
N HIS B 105 8.26 1.07 -20.55
CA HIS B 105 7.27 2.11 -20.32
C HIS B 105 6.06 1.62 -19.54
N LEU B 106 5.92 2.12 -18.31
CA LEU B 106 4.75 1.86 -17.48
C LEU B 106 3.88 3.12 -17.44
N VAL B 107 2.58 2.93 -17.68
CA VAL B 107 1.60 3.99 -17.45
C VAL B 107 0.61 3.52 -16.39
N ILE B 108 0.48 4.30 -15.31
CA ILE B 108 -0.40 3.89 -14.21
C ILE B 108 -1.62 4.80 -14.19
N ALA B 109 -2.77 4.21 -14.47
CA ALA B 109 -4.02 4.96 -14.52
C ALA B 109 -4.73 4.90 -13.17
N CYS B 110 -4.71 6.02 -12.43
CA CYS B 110 -5.27 6.05 -11.07
C CYS B 110 -6.72 6.49 -11.04
N GLY B 111 -7.60 5.60 -10.62
CA GLY B 111 -9.01 5.94 -10.51
C GLY B 111 -9.37 6.59 -9.19
N ARG B 112 -10.55 7.20 -9.17
CA ARG B 112 -11.16 7.72 -7.96
C ARG B 112 -12.64 7.35 -8.00
N TYR B 113 -13.41 7.81 -7.02
CA TYR B 113 -14.83 7.43 -6.89
C TYR B 113 -14.98 5.91 -6.85
N GLU B 114 -15.88 5.35 -7.64
CA GLU B 114 -16.08 3.90 -7.64
C GLU B 114 -15.20 3.21 -8.68
N GLY B 115 -14.35 3.98 -9.34
CA GLY B 115 -13.49 3.38 -10.35
C GLY B 115 -13.71 3.93 -11.74
N ILE B 116 -13.04 3.30 -12.70
CA ILE B 116 -13.05 3.73 -14.10
C ILE B 116 -13.95 2.83 -14.92
N ASP B 117 -14.75 3.41 -15.81
CA ASP B 117 -15.55 2.66 -16.78
C ASP B 117 -14.73 1.52 -17.39
N GLN B 118 -15.27 0.30 -17.36
CA GLN B 118 -14.51 -0.90 -17.77
C GLN B 118 -14.02 -0.82 -19.22
N ARG B 119 -14.72 -0.07 -20.05
CA ARG B 119 -14.33 0.03 -21.45
C ARG B 119 -12.97 0.69 -21.66
N VAL B 120 -12.49 1.47 -20.69
CA VAL B 120 -11.17 2.07 -20.82
C VAL B 120 -10.10 0.98 -20.92
N ALA B 121 -10.12 0.05 -19.97
CA ALA B 121 -9.16 -1.07 -19.97
C ALA B 121 -9.40 -1.96 -21.18
N ASP B 122 -10.66 -2.17 -21.53
CA ASP B 122 -10.99 -3.06 -22.65
C ASP B 122 -10.52 -2.49 -23.97
N ASP B 123 -10.77 -1.20 -24.20
CA ASP B 123 -10.28 -0.52 -25.39
C ASP B 123 -8.76 -0.53 -25.46
N ALA B 124 -8.11 -0.18 -24.35
CA ALA B 124 -6.66 -0.13 -24.32
C ALA B 124 -6.04 -1.48 -24.66
N ALA B 125 -6.69 -2.56 -24.25
CA ALA B 125 -6.16 -3.91 -24.47
C ALA B 125 -6.15 -4.35 -25.93
N THR B 126 -6.87 -3.62 -26.78
CA THR B 126 -6.83 -3.90 -28.21
C THR B 126 -5.57 -3.32 -28.85
N ARG B 127 -4.84 -2.52 -28.08
CA ARG B 127 -3.70 -1.76 -28.59
C ARG B 127 -2.41 -2.02 -27.83
N MET B 128 -2.54 -2.43 -26.57
CA MET B 128 -1.38 -2.58 -25.68
C MET B 128 -1.66 -3.63 -24.62
N ARG B 129 -0.66 -3.94 -23.80
CA ARG B 129 -0.88 -4.88 -22.71
C ARG B 129 -1.43 -4.10 -21.52
N VAL B 130 -2.43 -4.70 -20.87
CA VAL B 130 -3.13 -4.03 -19.76
C VAL B 130 -3.12 -4.97 -18.55
N ARG B 131 -2.83 -4.43 -17.37
CA ARG B 131 -2.81 -5.24 -16.15
C ARG B 131 -3.66 -4.55 -15.07
N GLU B 132 -4.78 -5.16 -14.71
CA GLU B 132 -5.56 -4.68 -13.56
C GLU B 132 -5.04 -5.39 -12.30
N VAL B 133 -4.57 -4.63 -11.33
CA VAL B 133 -3.94 -5.22 -10.15
C VAL B 133 -4.39 -4.56 -8.85
N SER B 134 -4.30 -5.34 -7.79
CA SER B 134 -4.58 -4.85 -6.44
CA SER B 134 -4.58 -4.84 -6.45
C SER B 134 -3.36 -5.02 -5.55
N ILE B 135 -3.04 -4.02 -4.74
CA ILE B 135 -1.85 -4.17 -3.88
C ILE B 135 -2.12 -4.87 -2.54
N GLY B 136 -3.37 -5.21 -2.26
CA GLY B 136 -3.67 -5.85 -0.98
C GLY B 136 -5.15 -5.94 -0.66
N ASP B 137 -5.49 -6.72 0.37
CA ASP B 137 -6.90 -6.98 0.65
C ASP B 137 -7.46 -5.98 1.68
N TYR B 138 -7.55 -4.73 1.24
CA TYR B 138 -8.09 -3.62 2.02
C TYR B 138 -8.60 -2.63 1.00
N VAL B 139 -9.40 -1.66 1.44
CA VAL B 139 -10.00 -0.70 0.50
C VAL B 139 -9.40 0.69 0.65
N LEU B 140 -8.97 1.26 -0.48
CA LEU B 140 -8.45 2.62 -0.52
C LEU B 140 -9.49 3.57 -1.12
N ASN B 141 -9.18 4.85 -1.16
CA ASN B 141 -10.10 5.82 -1.78
C ASN B 141 -9.81 6.05 -3.26
N GLY B 142 -8.73 5.47 -3.75
CA GLY B 142 -8.37 5.66 -5.14
C GLY B 142 -7.04 5.00 -5.43
N GLY B 143 -6.59 5.12 -6.68
CA GLY B 143 -5.39 4.42 -7.13
C GLY B 143 -4.04 5.01 -6.77
N GLU B 144 -4.01 6.26 -6.29
CA GLU B 144 -2.76 6.98 -6.06
C GLU B 144 -1.81 6.29 -5.07
N ALA B 145 -2.32 5.88 -3.91
CA ALA B 145 -1.45 5.21 -2.92
C ALA B 145 -0.94 3.90 -3.50
N ALA B 146 -1.78 3.22 -4.26
CA ALA B 146 -1.35 1.97 -4.90
C ALA B 146 -0.25 2.26 -5.92
N ALA B 147 -0.39 3.35 -6.67
CA ALA B 147 0.65 3.73 -7.63
C ALA B 147 1.98 3.95 -6.90
N LEU B 148 1.94 4.60 -5.74
CA LEU B 148 3.17 4.86 -5.02
C LEU B 148 3.84 3.56 -4.58
N VAL B 149 3.05 2.60 -4.13
CA VAL B 149 3.56 1.29 -3.71
C VAL B 149 4.16 0.54 -4.89
N ILE B 150 3.44 0.53 -6.01
CA ILE B 150 3.90 -0.20 -7.20
C ILE B 150 5.22 0.40 -7.72
N ILE B 151 5.27 1.73 -7.79
CA ILE B 151 6.48 2.38 -8.27
C ILE B 151 7.66 2.04 -7.36
N GLU B 152 7.45 2.09 -6.04
CA GLU B 152 8.56 1.82 -5.15
C GLU B 152 9.04 0.37 -5.27
N ALA B 153 8.10 -0.57 -5.37
CA ALA B 153 8.45 -1.98 -5.42
C ALA B 153 9.18 -2.31 -6.72
N VAL B 154 8.77 -1.66 -7.79
CA VAL B 154 9.34 -1.94 -9.10
C VAL B 154 10.71 -1.29 -9.26
N LEU B 155 10.82 -0.03 -8.87
CA LEU B 155 12.04 0.74 -9.16
C LEU B 155 13.26 0.21 -8.42
N ARG B 156 13.07 -0.44 -7.28
CA ARG B 156 14.24 -0.93 -6.56
C ARG B 156 14.81 -2.21 -7.20
N LEU B 157 14.12 -2.74 -8.20
CA LEU B 157 14.56 -3.93 -8.92
C LEU B 157 15.11 -3.64 -10.31
N VAL B 158 14.95 -2.40 -10.77
CA VAL B 158 15.39 -2.04 -12.11
C VAL B 158 16.90 -2.15 -12.20
N PRO B 159 17.40 -2.87 -13.20
CA PRO B 159 18.85 -3.12 -13.33
C PRO B 159 19.64 -1.82 -13.30
N GLY B 160 20.55 -1.70 -12.33
CA GLY B 160 21.33 -0.48 -12.16
C GLY B 160 20.82 0.40 -11.03
N SER B 179 8.18 -16.99 -0.10
CA SER B 179 9.29 -17.77 0.43
C SER B 179 9.18 -17.91 1.95
N LEU B 180 10.06 -17.21 2.68
CA LEU B 180 10.04 -17.20 4.14
C LEU B 180 10.08 -15.75 4.63
N LEU B 181 9.56 -15.51 5.84
CA LEU B 181 9.63 -14.17 6.43
C LEU B 181 10.99 -13.96 7.09
N GLU B 182 11.50 -12.73 7.00
CA GLU B 182 12.76 -12.40 7.64
C GLU B 182 12.65 -12.44 9.16
N GLY B 183 13.70 -12.90 9.81
CA GLY B 183 13.74 -12.92 11.25
C GLY B 183 14.15 -11.55 11.79
N PRO B 184 14.33 -11.46 13.10
CA PRO B 184 14.66 -10.20 13.79
C PRO B 184 16.10 -9.78 13.55
N SER B 185 16.34 -8.47 13.59
CA SER B 185 17.68 -7.90 13.45
CA SER B 185 17.69 -7.92 13.46
C SER B 185 18.05 -7.12 14.71
N TYR B 186 19.34 -6.96 14.96
CA TYR B 186 19.82 -6.28 16.17
C TYR B 186 21.07 -5.50 15.85
N THR B 187 21.31 -4.44 16.61
CA THR B 187 22.55 -3.69 16.50
C THR B 187 22.93 -3.17 17.89
N ARG B 188 23.96 -2.33 17.96
CA ARG B 188 24.52 -1.93 19.25
C ARG B 188 23.56 -1.01 20.02
N PRO B 189 23.60 -1.04 21.36
CA PRO B 189 24.48 -1.82 22.26
C PRO B 189 24.01 -3.24 22.46
N PRO B 190 24.90 -4.12 22.94
CA PRO B 190 24.52 -5.53 23.09
C PRO B 190 23.53 -5.78 24.24
N SER B 191 23.45 -4.84 25.17
CA SER B 191 22.45 -4.86 26.22
C SER B 191 21.76 -3.51 26.23
N TRP B 192 20.43 -3.51 26.18
CA TRP B 192 19.65 -2.27 26.15
C TRP B 192 18.37 -2.40 26.97
N ARG B 193 18.22 -1.54 27.97
CA ARG B 193 17.08 -1.63 28.90
C ARG B 193 16.95 -3.01 29.51
N GLY B 194 18.09 -3.68 29.71
CA GLY B 194 18.08 -5.02 30.28
C GLY B 194 17.67 -6.13 29.32
N MET B 195 17.63 -5.78 28.03
CA MET B 195 17.34 -6.73 26.96
C MET B 195 18.59 -7.03 26.15
N ASP B 196 18.97 -8.31 26.10
CA ASP B 196 20.19 -8.71 25.41
C ASP B 196 19.97 -9.14 23.97
N VAL B 197 20.89 -8.73 23.12
CA VAL B 197 21.00 -9.32 21.79
C VAL B 197 21.23 -10.83 21.97
N PRO B 198 20.50 -11.68 21.23
CA PRO B 198 20.73 -13.13 21.34
C PRO B 198 22.22 -13.46 21.23
N PRO B 199 22.75 -14.18 22.24
CA PRO B 199 24.17 -14.45 22.38
C PRO B 199 24.79 -15.11 21.16
N VAL B 200 24.03 -15.92 20.43
CA VAL B 200 24.58 -16.56 19.23
C VAL B 200 25.07 -15.51 18.23
N LEU B 201 24.40 -14.36 18.18
CA LEU B 201 24.76 -13.34 17.19
C LEU B 201 26.07 -12.65 17.53
N LEU B 202 26.51 -12.80 18.77
CA LEU B 202 27.76 -12.21 19.24
C LEU B 202 28.91 -13.21 19.14
N SER B 203 28.58 -14.47 18.87
CA SER B 203 29.55 -15.57 18.96
C SER B 203 30.54 -15.63 17.80
N GLY B 204 30.16 -15.11 16.64
CA GLY B 204 31.04 -15.14 15.48
C GLY B 204 31.03 -16.47 14.74
N ASP B 205 30.17 -17.39 15.16
CA ASP B 205 30.04 -18.69 14.49
C ASP B 205 29.01 -18.60 13.38
N HIS B 206 29.48 -18.44 12.15
CA HIS B 206 28.62 -18.28 10.98
C HIS B 206 27.58 -19.39 10.85
N ALA B 207 27.98 -20.63 11.08
CA ALA B 207 27.07 -21.77 10.95
C ALA B 207 25.94 -21.70 11.98
N LYS B 208 26.30 -21.49 13.24
CA LYS B 208 25.27 -21.41 14.29
C LYS B 208 24.37 -20.18 14.12
N ILE B 209 24.93 -19.09 13.61
CA ILE B 209 24.15 -17.88 13.36
C ILE B 209 23.16 -18.11 12.22
N ALA B 210 23.61 -18.73 11.14
CA ALA B 210 22.74 -19.07 10.02
C ALA B 210 21.59 -19.98 10.47
N ALA B 211 21.89 -20.91 11.36
CA ALA B 211 20.88 -21.86 11.85
C ALA B 211 19.85 -21.18 12.73
N TRP B 212 20.32 -20.30 13.62
CA TRP B 212 19.42 -19.60 14.51
C TRP B 212 18.48 -18.70 13.71
N ARG B 213 19.03 -18.04 12.70
CA ARG B 213 18.24 -17.13 11.86
C ARG B 213 17.21 -17.90 11.03
N ALA B 214 17.55 -19.13 10.64
CA ALA B 214 16.62 -19.97 9.91
C ALA B 214 15.47 -20.39 10.82
N GLU B 215 15.82 -20.74 12.05
CA GLU B 215 14.82 -21.11 13.05
C GLU B 215 13.89 -19.95 13.36
N GLN B 216 14.43 -18.75 13.49
CA GLN B 216 13.60 -17.57 13.79
C GLN B 216 12.64 -17.30 12.64
N SER B 217 13.15 -17.40 11.42
CA SER B 217 12.35 -17.22 10.21
CA SER B 217 12.34 -17.22 10.23
C SER B 217 11.22 -18.24 10.15
N ARG B 218 11.55 -19.51 10.44
CA ARG B 218 10.54 -20.58 10.42
C ARG B 218 9.44 -20.27 11.41
N GLN B 219 9.85 -19.90 12.62
CA GLN B 219 8.93 -19.65 13.70
C GLN B 219 8.01 -18.48 13.34
N ARG B 220 8.60 -17.44 12.73
CA ARG B 220 7.86 -16.25 12.38
C ARG B 220 6.88 -16.52 11.24
N THR B 221 7.31 -17.31 10.28
CA THR B 221 6.46 -17.62 9.13
C THR B 221 5.27 -18.48 9.56
N ILE B 222 5.51 -19.51 10.37
CA ILE B 222 4.42 -20.32 10.90
C ILE B 222 3.38 -19.51 11.67
N GLU B 223 3.87 -18.59 12.49
CA GLU B 223 3.02 -17.77 13.34
C GLU B 223 2.25 -16.72 12.55
N ARG B 224 2.93 -16.04 11.63
CA ARG B 224 2.35 -14.87 10.97
C ARG B 224 1.79 -15.11 9.57
N ARG B 225 2.43 -16.01 8.82
CA ARG B 225 2.01 -16.25 7.44
C ARG B 225 2.05 -17.75 7.12
N PRO B 226 1.23 -18.53 7.81
CA PRO B 226 1.35 -19.98 7.59
C PRO B 226 1.01 -20.39 6.16
N ASP B 227 0.25 -19.56 5.46
CA ASP B 227 -0.10 -19.80 4.07
C ASP B 227 1.14 -19.92 3.19
N LEU B 228 2.23 -19.24 3.55
CA LEU B 228 3.45 -19.28 2.74
C LEU B 228 4.12 -20.65 2.78
N LEU B 229 3.82 -21.43 3.81
CA LEU B 229 4.35 -22.80 3.95
C LEU B 229 3.28 -23.84 3.67
N GLY B 230 2.18 -23.39 3.06
CA GLY B 230 1.10 -24.29 2.67
C GLY B 230 0.22 -24.77 3.82
N PHE B 231 0.00 -23.92 4.82
CA PHE B 231 -0.94 -24.23 5.89
C PHE B 231 -2.15 -23.30 5.86
N ASP B 232 -3.21 -23.69 6.56
CA ASP B 232 -4.42 -22.87 6.62
C ASP B 232 -4.17 -21.52 7.28
N SER B 233 -4.86 -20.50 6.79
CA SER B 233 -4.83 -19.18 7.40
C SER B 233 -5.74 -19.14 8.62
N PRO B 234 -5.33 -18.44 9.69
CA PRO B 234 -6.07 -18.43 10.95
C PRO B 234 -7.40 -17.69 10.86
#